data_5ETT
#
_entry.id   5ETT
#
_cell.length_a   47.546
_cell.length_b   68.404
_cell.length_c   53.125
_cell.angle_alpha   90.00
_cell.angle_beta   105.94
_cell.angle_gamma   90.00
#
_symmetry.space_group_name_H-M   'P 1 21 1'
#
loop_
_entity.id
_entity.type
_entity.pdbx_description
1 polymer '2-amino-4-hydroxy-6-hydroxymethyldihydropteridine pyrophosphokinase'
2 non-polymer 'DIPHOSPHOMETHYLPHOSPHONIC ACID ADENOSYL ESTER'
3 non-polymer 4-[(2-azanyl-6-oxidanylidene-1,9-dihydropurin-8-yl)sulfanylmethyl]-3-fluoranyl-benzenecarbonitrile
4 non-polymer 'SODIUM ION'
5 non-polymer 'MAGNESIUM ION'
6 water water
#
_entity_poly.entity_id   1
_entity_poly.type   'polypeptide(L)'
_entity_poly.pdbx_seq_one_letter_code
;GSHMIQAYLGLGSNIGDRESQLNDAIKILNEYDGISVSNISPIYETAPVGYTEQPNFLNLCVEIQTTLTVLQLLECCLKT
EECLHRIRKERWGPRTLDVDILLYGEEMIDLPKLSVPHPRMNERAFVLIPLNDIAANVVEPRSKLKVKDLVFVDDSVKRY
K
;
_entity_poly.pdbx_strand_id   B,A
#
# COMPACT_ATOMS: atom_id res chain seq x y z
N MET A 4 22.88 -12.14 13.48
CA MET A 4 22.61 -10.68 13.20
C MET A 4 21.92 -10.42 11.84
N ILE A 5 20.77 -9.71 11.82
CA ILE A 5 20.00 -9.45 10.65
C ILE A 5 20.05 -7.92 10.42
N GLN A 6 20.25 -7.55 9.19
CA GLN A 6 20.12 -6.14 8.83
C GLN A 6 18.65 -5.77 8.51
N ALA A 7 18.12 -4.80 9.23
CA ALA A 7 16.72 -4.38 9.03
C ALA A 7 16.67 -2.89 8.86
N TYR A 8 15.56 -2.44 8.29
CA TYR A 8 15.36 -1.00 8.03
C TYR A 8 14.01 -0.57 8.59
N LEU A 9 14.03 0.53 9.36
CA LEU A 9 12.82 1.13 9.97
C LEU A 9 12.53 2.45 9.31
N GLY A 10 11.22 2.73 9.23
CA GLY A 10 10.76 4.02 8.70
C GLY A 10 10.20 4.79 9.86
N LEU A 11 10.63 6.03 10.05
CA LEU A 11 10.16 6.83 11.20
C LEU A 11 9.49 8.07 10.68
N GLY A 12 8.43 8.45 11.37
CA GLY A 12 7.72 9.67 11.01
C GLY A 12 7.19 10.42 12.25
N SER A 13 7.08 11.75 12.14
CA SER A 13 6.48 12.57 13.17
C SER A 13 5.78 13.78 12.50
N ASN A 14 4.58 14.13 12.89
CA ASN A 14 3.90 15.35 12.32
C ASN A 14 3.17 16.14 13.33
N ILE A 15 3.55 16.00 14.59
CA ILE A 15 2.94 16.89 15.64
C ILE A 15 3.99 16.99 16.74
N GLY A 16 3.94 18.08 17.49
CA GLY A 16 4.97 18.33 18.51
C GLY A 16 6.27 18.84 17.90
N ASP A 17 7.38 18.71 18.60
CA ASP A 17 8.67 19.07 18.07
C ASP A 17 9.18 17.85 17.31
N ARG A 18 8.92 17.86 16.00
CA ARG A 18 9.12 16.64 15.16
C ARG A 18 10.52 16.14 15.17
N GLU A 19 11.49 17.05 14.98
CA GLU A 19 12.89 16.64 14.90
C GLU A 19 13.41 16.04 16.24
N SER A 20 13.04 16.73 17.33
CA SER A 20 13.45 16.25 18.65
CA SER A 20 13.43 16.25 18.66
C SER A 20 12.89 14.87 18.96
N GLN A 21 11.66 14.64 18.58
CA GLN A 21 10.99 13.37 18.83
C GLN A 21 11.65 12.27 17.98
N LEU A 22 11.97 12.58 16.73
CA LEU A 22 12.68 11.57 15.89
C LEU A 22 14.06 11.17 16.49
N ASN A 23 14.79 12.18 16.95
CA ASN A 23 16.09 11.93 17.51
C ASN A 23 15.99 11.15 18.82
N ASP A 24 15.01 11.47 19.63
CA ASP A 24 14.79 10.72 20.87
C ASP A 24 14.46 9.26 20.54
N ALA A 25 13.59 9.08 19.56
CA ALA A 25 13.18 7.75 19.13
C ALA A 25 14.35 6.90 18.73
N ILE A 26 15.24 7.46 17.90
CA ILE A 26 16.44 6.75 17.50
C ILE A 26 17.29 6.28 18.74
N LYS A 27 17.49 7.21 19.67
CA LYS A 27 18.22 6.93 20.86
C LYS A 27 17.63 5.78 21.65
N ILE A 28 16.29 5.80 21.77
CA ILE A 28 15.59 4.75 22.51
C ILE A 28 15.70 3.44 21.80
N LEU A 29 15.49 3.44 20.49
CA LEU A 29 15.67 2.21 19.72
C LEU A 29 17.05 1.54 19.90
N ASN A 30 18.05 2.37 19.83
CA ASN A 30 19.43 1.89 19.96
C ASN A 30 19.71 1.36 21.39
N GLU A 31 18.90 1.79 22.37
CA GLU A 31 19.11 1.34 23.78
C GLU A 31 18.55 0.00 24.08
N TYR A 32 17.75 -0.57 23.20
CA TYR A 32 17.28 -1.93 23.46
C TYR A 32 18.39 -2.95 23.21
N ASP A 33 18.53 -3.94 24.05
CA ASP A 33 19.44 -4.97 23.63
C ASP A 33 18.85 -5.74 22.49
N GLY A 34 19.72 -6.13 21.61
CA GLY A 34 19.29 -6.76 20.37
C GLY A 34 19.09 -5.85 19.19
N ILE A 35 19.16 -4.52 19.40
CA ILE A 35 19.01 -3.53 18.33
C ILE A 35 20.22 -2.60 18.42
N SER A 36 20.92 -2.49 17.31
CA SER A 36 21.99 -1.53 17.20
C SER A 36 21.75 -0.63 15.99
N VAL A 37 21.61 0.67 16.15
CA VAL A 37 21.45 1.52 15.00
C VAL A 37 22.80 1.76 14.32
N SER A 38 22.87 1.40 13.06
CA SER A 38 24.14 1.53 12.29
C SER A 38 24.10 2.60 11.24
N ASN A 39 22.95 3.12 10.84
CA ASN A 39 22.95 4.26 9.89
C ASN A 39 21.65 4.97 9.97
N ILE A 40 21.65 6.25 9.64
CA ILE A 40 20.46 7.08 9.77
C ILE A 40 20.43 7.95 8.51
N SER A 41 19.33 7.98 7.80
CA SER A 41 19.20 8.84 6.62
C SER A 41 19.08 10.24 7.00
N PRO A 42 19.28 11.19 6.05
CA PRO A 42 18.81 12.55 6.30
C PRO A 42 17.31 12.60 6.59
N ILE A 43 16.88 13.65 7.23
CA ILE A 43 15.52 13.94 7.49
C ILE A 43 14.90 14.65 6.27
N TYR A 44 13.71 14.19 5.92
CA TYR A 44 12.90 14.80 4.88
C TYR A 44 11.59 15.37 5.44
N GLU A 45 11.18 16.55 4.93
CA GLU A 45 9.88 17.06 5.20
C GLU A 45 8.98 16.59 4.05
N THR A 46 7.81 16.03 4.37
CA THR A 46 7.04 15.36 3.38
C THR A 46 5.58 15.68 3.54
N ALA A 47 4.88 15.74 2.42
CA ALA A 47 3.47 15.94 2.43
C ALA A 47 2.73 14.66 2.80
N PRO A 48 1.72 14.77 3.64
CA PRO A 48 0.96 13.56 4.02
C PRO A 48 0.35 12.88 2.80
N VAL A 49 0.39 11.56 2.78
CA VAL A 49 -0.31 10.78 1.80
C VAL A 49 -1.30 9.83 2.48
N GLY A 50 -2.36 9.50 1.71
CA GLY A 50 -3.34 8.53 2.12
C GLY A 50 -4.49 8.98 3.00
N TYR A 51 -4.65 10.29 3.12
CA TYR A 51 -5.62 10.78 4.12
C TYR A 51 -6.11 12.19 3.65
N THR A 52 -6.72 12.90 4.56
CA THR A 52 -7.10 14.28 4.33
C THR A 52 -5.90 15.21 4.52
N GLU A 53 -6.08 16.50 4.27
CA GLU A 53 -5.07 17.50 4.62
C GLU A 53 -4.64 17.41 6.07
N GLN A 54 -3.33 17.36 6.30
CA GLN A 54 -2.78 17.16 7.64
C GLN A 54 -1.45 17.88 7.72
N PRO A 55 -0.93 18.08 8.90
CA PRO A 55 0.39 18.71 9.02
C PRO A 55 1.50 17.89 8.35
N ASN A 56 2.46 18.56 7.76
CA ASN A 56 3.58 17.92 7.17
C ASN A 56 4.38 17.08 8.14
N PHE A 57 4.92 15.99 7.63
CA PHE A 57 5.73 15.06 8.37
C PHE A 57 7.21 15.43 8.25
N LEU A 58 7.95 14.96 9.24
CA LEU A 58 9.34 14.79 9.10
C LEU A 58 9.47 13.22 9.03
N ASN A 59 10.21 12.72 8.07
CA ASN A 59 10.40 11.28 7.89
C ASN A 59 11.84 10.97 7.69
N LEU A 60 12.29 9.81 8.14
CA LEU A 60 13.61 9.34 7.89
C LEU A 60 13.60 7.80 7.90
N CYS A 61 14.71 7.18 7.54
CA CYS A 61 14.92 5.77 7.72
C CYS A 61 16.15 5.46 8.53
N VAL A 62 16.11 4.32 9.24
CA VAL A 62 17.17 3.90 10.10
C VAL A 62 17.55 2.49 9.72
N GLU A 63 18.86 2.20 9.69
CA GLU A 63 19.37 0.87 9.50
C GLU A 63 19.71 0.35 10.88
N ILE A 64 19.33 -0.89 11.15
CA ILE A 64 19.69 -1.55 12.40
C ILE A 64 20.36 -2.89 12.10
N GLN A 65 21.22 -3.29 13.03
CA GLN A 65 21.69 -4.65 13.05
C GLN A 65 21.00 -5.23 14.25
N THR A 66 20.26 -6.32 14.04
CA THR A 66 19.47 -6.86 15.14
C THR A 66 19.59 -8.35 15.31
N THR A 67 19.52 -8.78 16.57
CA THR A 67 19.46 -10.18 16.89
C THR A 67 18.07 -10.53 17.40
N LEU A 68 17.12 -9.63 17.30
CA LEU A 68 15.74 -9.94 17.70
C LEU A 68 15.01 -10.58 16.55
N THR A 69 13.97 -11.39 16.89
CA THR A 69 13.06 -11.85 15.92
C THR A 69 12.21 -10.70 15.40
N VAL A 70 11.57 -10.88 14.28
CA VAL A 70 10.79 -9.75 13.70
C VAL A 70 9.65 -9.35 14.67
N LEU A 71 8.99 -10.29 15.38
CA LEU A 71 7.96 -9.85 16.33
C LEU A 71 8.55 -9.25 17.56
N GLN A 72 9.73 -9.68 18.00
CA GLN A 72 10.41 -8.95 19.09
C GLN A 72 10.72 -7.50 18.70
N LEU A 73 11.22 -7.37 17.50
CA LEU A 73 11.51 -6.04 16.95
C LEU A 73 10.25 -5.18 16.90
N LEU A 74 9.13 -5.71 16.42
CA LEU A 74 7.87 -4.96 16.42
C LEU A 74 7.52 -4.49 17.82
N GLU A 75 7.71 -5.36 18.82
CA GLU A 75 7.39 -4.92 20.16
C GLU A 75 8.23 -3.69 20.56
N CYS A 76 9.52 -3.69 20.22
CA CYS A 76 10.39 -2.57 20.56
C CYS A 76 9.95 -1.31 19.80
N CYS A 77 9.53 -1.47 18.55
CA CYS A 77 9.08 -0.28 17.79
C CYS A 77 7.83 0.38 18.39
N LEU A 78 6.90 -0.49 18.79
CA LEU A 78 5.66 0.03 19.38
C LEU A 78 5.90 0.58 20.78
N LYS A 79 6.78 -0.05 21.55
CA LYS A 79 7.16 0.52 22.85
C LYS A 79 7.77 1.91 22.71
N THR A 80 8.56 2.13 21.65
CA THR A 80 9.13 3.44 21.44
C THR A 80 8.10 4.50 21.16
N GLU A 81 7.10 4.17 20.36
CA GLU A 81 5.99 5.05 20.16
C GLU A 81 5.28 5.44 21.50
N GLU A 82 5.09 4.42 22.34
CA GLU A 82 4.47 4.70 23.68
C GLU A 82 5.34 5.63 24.49
N CYS A 83 6.67 5.47 24.42
CA CYS A 83 7.57 6.40 25.12
C CYS A 83 7.37 7.85 24.70
N LEU A 84 7.05 8.04 23.42
CA LEU A 84 6.83 9.37 22.82
C LEU A 84 5.36 9.77 22.79
N HIS A 85 4.52 9.07 23.56
CA HIS A 85 3.21 9.47 23.87
C HIS A 85 2.31 9.54 22.69
N ARG A 86 2.50 8.61 21.77
CA ARG A 86 1.58 8.59 20.62
C ARG A 86 0.14 8.33 21.05
N ILE A 87 -0.78 9.10 20.48
CA ILE A 87 -2.24 9.02 20.80
C ILE A 87 -2.87 8.10 19.73
N ARG A 88 -3.81 7.28 20.16
CA ARG A 88 -4.52 6.40 19.24
C ARG A 88 -6.02 6.62 19.44
N LYS A 89 -6.58 7.56 18.70
CA LYS A 89 -8.02 7.89 18.78
C LYS A 89 -8.82 7.04 17.83
N GLU A 90 -10.14 7.20 17.85
CA GLU A 90 -11.05 6.47 16.98
C GLU A 90 -10.68 6.64 15.51
N ARG A 91 -10.28 7.85 15.14
CA ARG A 91 -9.88 8.18 13.78
C ARG A 91 -8.40 8.51 13.73
N TRP A 92 -7.79 8.27 12.57
CA TRP A 92 -6.36 8.59 12.38
C TRP A 92 -6.18 10.11 12.49
N GLY A 93 -5.01 10.48 13.01
CA GLY A 93 -4.65 11.87 13.02
C GLY A 93 -3.17 12.01 13.19
N PRO A 94 -2.75 13.21 13.54
CA PRO A 94 -1.34 13.49 13.65
C PRO A 94 -0.71 12.61 14.75
N ARG A 95 0.58 12.33 14.63
CA ARG A 95 1.22 11.41 15.58
C ARG A 95 2.60 11.92 15.92
N THR A 96 2.89 11.81 17.21
CA THR A 96 4.21 12.16 17.68
C THR A 96 5.34 11.35 17.07
N LEU A 97 5.06 10.05 16.93
CA LEU A 97 6.03 9.14 16.38
C LEU A 97 5.34 7.89 15.78
N ASP A 98 5.79 7.51 14.61
CA ASP A 98 5.45 6.24 13.96
C ASP A 98 6.74 5.54 13.62
N VAL A 99 6.85 4.27 14.06
CA VAL A 99 8.02 3.43 13.79
C VAL A 99 7.50 2.20 13.04
N ASP A 100 7.89 2.12 11.76
CA ASP A 100 7.40 1.04 10.93
C ASP A 100 8.55 0.17 10.48
N ILE A 101 8.36 -1.15 10.52
CA ILE A 101 9.37 -2.05 10.00
C ILE A 101 9.22 -2.14 8.50
N LEU A 102 10.27 -1.74 7.78
CA LEU A 102 10.20 -1.69 6.30
C LEU A 102 10.71 -3.03 5.75
N LEU A 103 11.92 -3.44 6.20
CA LEU A 103 12.62 -4.61 5.70
C LEU A 103 13.26 -5.31 6.84
N TYR A 104 13.28 -6.64 6.76
CA TYR A 104 13.92 -7.46 7.84
C TYR A 104 14.72 -8.53 7.08
N GLY A 105 16.01 -8.28 6.90
CA GLY A 105 16.79 -9.08 5.96
C GLY A 105 16.10 -9.15 4.62
N GLU A 106 16.09 -10.33 3.99
CA GLU A 106 15.28 -10.58 2.79
C GLU A 106 14.06 -11.40 3.07
N GLU A 107 13.55 -11.38 4.31
CA GLU A 107 12.41 -12.13 4.70
C GLU A 107 11.05 -11.50 4.28
N MET A 108 10.07 -12.36 4.07
CA MET A 108 8.69 -12.00 3.80
C MET A 108 7.84 -12.63 4.87
N ILE A 109 7.16 -11.81 5.66
CA ILE A 109 6.35 -12.18 6.78
C ILE A 109 4.96 -11.67 6.57
N ASP A 110 3.91 -12.48 6.71
CA ASP A 110 2.57 -12.04 6.57
C ASP A 110 1.73 -12.61 7.70
N LEU A 111 1.58 -11.85 8.77
CA LEU A 111 0.85 -12.22 9.94
C LEU A 111 -0.21 -11.16 10.21
N PRO A 112 -1.28 -11.48 10.94
CA PRO A 112 -2.25 -10.48 11.25
C PRO A 112 -1.69 -9.19 11.82
N LYS A 113 -0.74 -9.26 12.71
CA LYS A 113 -0.19 -8.09 13.33
C LYS A 113 1.07 -7.54 12.62
N LEU A 114 1.57 -8.17 11.57
CA LEU A 114 2.86 -7.81 11.02
C LEU A 114 2.95 -8.19 9.57
N SER A 115 3.24 -7.22 8.70
CA SER A 115 3.52 -7.50 7.29
C SER A 115 4.83 -6.87 6.91
N VAL A 116 5.82 -7.65 6.46
CA VAL A 116 7.14 -7.21 6.10
C VAL A 116 7.56 -7.91 4.84
N PRO A 117 8.05 -7.23 3.81
CA PRO A 117 8.20 -5.80 3.70
C PRO A 117 6.93 -5.07 3.94
N HIS A 118 7.05 -3.83 4.44
CA HIS A 118 5.85 -3.01 4.67
C HIS A 118 5.01 -2.98 3.41
N PRO A 119 3.67 -3.19 3.54
CA PRO A 119 2.85 -3.43 2.34
C PRO A 119 2.74 -2.25 1.47
N ARG A 120 3.03 -1.06 1.97
CA ARG A 120 2.90 0.17 1.17
C ARG A 120 4.21 0.84 0.78
N MET A 121 5.34 0.27 1.16
CA MET A 121 6.60 1.04 0.96
C MET A 121 6.98 1.27 -0.49
N ASN A 122 6.65 0.34 -1.39
CA ASN A 122 7.16 0.48 -2.73
C ASN A 122 6.51 1.57 -3.51
N GLU A 123 5.44 2.17 -2.99
CA GLU A 123 4.79 3.30 -3.66
C GLU A 123 4.83 4.58 -2.83
N ARG A 124 5.72 4.63 -1.86
CA ARG A 124 5.79 5.78 -0.95
C ARG A 124 7.14 6.51 -1.09
N ALA A 125 7.12 7.71 -1.67
CA ALA A 125 8.34 8.48 -1.75
C ALA A 125 8.93 8.85 -0.37
N PHE A 126 8.05 9.05 0.61
CA PHE A 126 8.55 9.43 1.94
C PHE A 126 9.31 8.27 2.60
N VAL A 127 9.11 7.06 2.08
CA VAL A 127 9.97 5.93 2.50
C VAL A 127 11.18 5.81 1.56
N LEU A 128 10.92 5.67 0.27
CA LEU A 128 11.97 5.21 -0.63
C LEU A 128 13.09 6.26 -0.81
N ILE A 129 12.75 7.53 -0.74
CA ILE A 129 13.80 8.56 -0.89
C ILE A 129 14.84 8.50 0.27
N PRO A 130 14.38 8.61 1.53
CA PRO A 130 15.38 8.40 2.56
C PRO A 130 15.93 7.00 2.62
N LEU A 131 15.16 5.97 2.28
CA LEU A 131 15.69 4.58 2.33
C LEU A 131 16.85 4.45 1.30
N ASN A 132 16.71 5.07 0.14
CA ASN A 132 17.71 5.02 -0.92
C ASN A 132 18.99 5.69 -0.44
N ASP A 133 18.92 6.63 0.46
CA ASP A 133 20.15 7.25 1.04
C ASP A 133 21.02 6.26 1.78
N ILE A 134 20.40 5.24 2.39
CA ILE A 134 21.13 4.29 3.25
C ILE A 134 21.07 2.86 2.87
N ALA A 135 20.27 2.55 1.81
CA ALA A 135 19.99 1.19 1.49
C ALA A 135 19.77 0.99 -0.04
N ALA A 136 20.49 1.79 -0.82
CA ALA A 136 20.31 1.81 -2.27
C ALA A 136 20.49 0.44 -2.89
N ASN A 137 21.40 -0.37 -2.38
CA ASN A 137 21.65 -1.70 -2.94
C ASN A 137 20.97 -2.87 -2.27
N VAL A 138 20.09 -2.59 -1.31
CA VAL A 138 19.34 -3.60 -0.66
C VAL A 138 18.15 -4.06 -1.53
N VAL A 139 17.91 -5.35 -1.51
CA VAL A 139 16.88 -5.94 -2.34
C VAL A 139 15.59 -6.00 -1.50
N GLU A 140 14.53 -5.48 -2.12
CA GLU A 140 13.15 -5.62 -1.61
C GLU A 140 12.64 -6.98 -2.14
N PRO A 141 12.40 -7.93 -1.27
CA PRO A 141 12.22 -9.29 -1.72
C PRO A 141 10.97 -9.65 -2.49
N ARG A 142 9.90 -8.89 -2.38
N ARG A 142 9.89 -8.90 -2.40
CA ARG A 142 8.70 -9.20 -3.13
CA ARG A 142 8.71 -9.21 -3.15
C ARG A 142 8.86 -8.84 -4.61
C ARG A 142 8.85 -8.84 -4.62
N SER A 143 9.33 -7.65 -4.86
CA SER A 143 9.64 -7.18 -6.23
C SER A 143 10.92 -7.73 -6.78
N LYS A 144 11.85 -8.09 -5.91
CA LYS A 144 13.18 -8.50 -6.23
C LYS A 144 14.01 -7.35 -6.81
N LEU A 145 13.57 -6.10 -6.62
CA LEU A 145 14.31 -4.95 -7.07
C LEU A 145 15.11 -4.38 -5.91
N LYS A 146 16.26 -3.81 -6.24
CA LYS A 146 16.98 -3.01 -5.27
C LYS A 146 16.17 -1.72 -4.99
N VAL A 147 16.37 -1.16 -3.81
CA VAL A 147 15.76 0.08 -3.49
C VAL A 147 16.06 1.16 -4.54
N LYS A 148 17.32 1.20 -5.06
CA LYS A 148 17.62 2.27 -6.05
C LYS A 148 16.86 2.13 -7.35
N ASP A 149 16.31 0.97 -7.58
CA ASP A 149 15.49 0.76 -8.76
C ASP A 149 13.97 0.96 -8.50
N LEU A 150 13.58 1.15 -7.25
CA LEU A 150 12.17 1.45 -6.88
C LEU A 150 11.99 2.93 -6.72
N VAL A 151 12.98 3.62 -6.20
CA VAL A 151 12.85 5.01 -5.86
C VAL A 151 12.49 5.88 -7.06
N PHE A 152 11.64 6.88 -6.82
CA PHE A 152 11.20 7.79 -7.87
C PHE A 152 11.24 9.22 -7.39
N VAL A 153 11.37 10.16 -8.35
CA VAL A 153 11.34 11.55 -8.00
C VAL A 153 9.93 11.94 -7.52
N ASP A 154 9.92 12.73 -6.46
CA ASP A 154 8.70 13.25 -5.88
C ASP A 154 8.96 14.57 -5.16
N ASP A 155 8.40 15.64 -5.71
CA ASP A 155 8.61 16.98 -5.16
C ASP A 155 7.96 17.25 -3.86
N SER A 156 7.06 16.34 -3.39
CA SER A 156 6.44 16.52 -2.08
C SER A 156 7.36 16.01 -0.97
N VAL A 157 8.55 15.51 -1.28
CA VAL A 157 9.58 15.08 -0.34
C VAL A 157 10.82 15.94 -0.53
N LYS A 158 11.20 16.65 0.53
CA LYS A 158 12.23 17.67 0.48
C LYS A 158 13.16 17.50 1.65
N ARG A 159 14.44 17.69 1.44
CA ARG A 159 15.41 17.67 2.53
C ARG A 159 15.05 18.73 3.55
N TYR A 160 15.03 18.34 4.81
CA TYR A 160 14.66 19.28 5.84
C TYR A 160 15.86 20.10 6.26
N MET B 4 -27.97 -8.72 -0.01
CA MET B 4 -26.77 -8.28 -0.80
C MET B 4 -25.80 -7.33 -0.08
N ILE B 5 -24.51 -7.54 -0.32
CA ILE B 5 -23.40 -6.67 0.07
C ILE B 5 -22.92 -5.89 -1.16
N GLN B 6 -22.62 -4.60 -0.98
CA GLN B 6 -22.13 -3.81 -2.10
C GLN B 6 -20.59 -3.87 -2.02
N ALA B 7 -20.00 -4.32 -3.11
CA ALA B 7 -18.53 -4.50 -3.14
C ALA B 7 -17.99 -3.78 -4.36
N TYR B 8 -16.68 -3.48 -4.28
CA TYR B 8 -16.00 -2.73 -5.35
C TYR B 8 -14.74 -3.52 -5.72
N LEU B 9 -14.58 -3.70 -7.02
CA LEU B 9 -13.45 -4.39 -7.61
C LEU B 9 -12.66 -3.37 -8.44
N GLY B 10 -11.33 -3.61 -8.46
CA GLY B 10 -10.41 -2.85 -9.27
C GLY B 10 -9.85 -3.77 -10.33
N LEU B 11 -9.90 -3.34 -11.57
CA LEU B 11 -9.50 -4.25 -12.70
C LEU B 11 -8.39 -3.54 -13.47
N GLY B 12 -7.44 -4.32 -13.95
CA GLY B 12 -6.31 -3.83 -14.70
C GLY B 12 -5.91 -4.78 -15.79
N SER B 13 -5.36 -4.22 -16.90
CA SER B 13 -4.79 -5.04 -17.97
C SER B 13 -3.70 -4.23 -18.63
N ASN B 14 -2.52 -4.83 -18.89
CA ASN B 14 -1.44 -4.08 -19.61
C ASN B 14 -0.81 -4.91 -20.71
N ILE B 15 -1.48 -5.96 -21.12
CA ILE B 15 -1.01 -6.71 -22.32
C ILE B 15 -2.18 -7.31 -23.05
N GLY B 16 -2.07 -7.40 -24.35
CA GLY B 16 -3.22 -7.76 -25.18
C GLY B 16 -4.14 -6.57 -25.54
N ASP B 17 -5.37 -6.90 -25.96
CA ASP B 17 -6.45 -5.92 -26.22
C ASP B 17 -7.02 -5.61 -24.89
N ARG B 18 -6.43 -4.58 -24.27
CA ARG B 18 -6.70 -4.32 -22.89
C ARG B 18 -8.20 -4.08 -22.58
N GLU B 19 -8.79 -3.30 -23.43
CA GLU B 19 -10.20 -2.90 -23.19
C GLU B 19 -11.10 -4.10 -23.40
N SER B 20 -10.85 -4.89 -24.42
CA SER B 20 -11.67 -6.07 -24.70
C SER B 20 -11.58 -7.03 -23.55
N GLN B 21 -10.36 -7.21 -23.03
CA GLN B 21 -10.14 -8.10 -21.91
C GLN B 21 -10.86 -7.63 -20.64
N LEU B 22 -10.81 -6.35 -20.38
CA LEU B 22 -11.53 -5.79 -19.24
C LEU B 22 -13.02 -5.98 -19.44
N ASN B 23 -13.52 -5.71 -20.63
CA ASN B 23 -14.97 -5.90 -20.85
C ASN B 23 -15.37 -7.38 -20.70
N ASP B 24 -14.59 -8.30 -21.24
CA ASP B 24 -14.88 -9.73 -21.11
C ASP B 24 -14.87 -10.15 -19.63
N ALA B 25 -13.93 -9.61 -18.86
CA ALA B 25 -13.82 -9.92 -17.45
C ALA B 25 -15.08 -9.51 -16.68
N ILE B 26 -15.54 -8.32 -17.01
CA ILE B 26 -16.79 -7.80 -16.40
C ILE B 26 -17.99 -8.75 -16.72
N LYS B 27 -18.08 -9.14 -17.98
CA LYS B 27 -19.13 -10.02 -18.39
C LYS B 27 -19.09 -11.32 -17.62
N ILE B 28 -17.90 -11.92 -17.50
CA ILE B 28 -17.74 -13.18 -16.80
C ILE B 28 -18.12 -13.00 -15.34
N LEU B 29 -17.62 -11.95 -14.69
CA LEU B 29 -17.96 -11.70 -13.29
C LEU B 29 -19.54 -11.63 -13.09
N ASN B 30 -20.14 -10.84 -13.97
CA ASN B 30 -21.59 -10.65 -13.93
C ASN B 30 -22.37 -11.96 -14.16
N GLU B 31 -21.78 -12.95 -14.80
CA GLU B 31 -22.41 -14.26 -15.09
C GLU B 31 -22.43 -15.21 -13.93
N TYR B 32 -21.68 -14.92 -12.89
CA TYR B 32 -21.80 -15.70 -11.70
C TYR B 32 -23.12 -15.52 -10.97
N ASP B 33 -23.67 -16.63 -10.46
CA ASP B 33 -24.74 -16.51 -9.47
C ASP B 33 -24.15 -15.86 -8.21
N GLY B 34 -24.90 -14.91 -7.69
CA GLY B 34 -24.53 -14.22 -6.47
C GLY B 34 -23.67 -13.00 -6.71
N ILE B 35 -23.37 -12.70 -7.98
CA ILE B 35 -22.73 -11.44 -8.36
C ILE B 35 -23.54 -10.75 -9.42
N SER B 36 -23.86 -9.49 -9.20
CA SER B 36 -24.48 -8.65 -10.22
C SER B 36 -23.65 -7.39 -10.35
N VAL B 37 -23.16 -7.09 -11.56
CA VAL B 37 -22.49 -5.82 -11.77
C VAL B 37 -23.52 -4.71 -11.89
N SER B 38 -23.44 -3.68 -11.05
CA SER B 38 -24.33 -2.52 -11.05
C SER B 38 -23.78 -1.23 -11.55
N ASN B 39 -22.46 -1.07 -11.60
CA ASN B 39 -21.92 0.12 -12.18
C ASN B 39 -20.48 -0.17 -12.60
N ILE B 40 -20.03 0.54 -13.58
CA ILE B 40 -18.69 0.39 -14.17
C ILE B 40 -18.16 1.80 -14.36
N SER B 41 -16.97 2.09 -13.86
CA SER B 41 -16.34 3.38 -14.08
C SER B 41 -15.90 3.61 -15.49
N PRO B 42 -15.61 4.87 -15.90
CA PRO B 42 -14.79 5.04 -17.06
C PRO B 42 -13.45 4.29 -17.00
N ILE B 43 -12.86 4.07 -18.12
CA ILE B 43 -11.55 3.49 -18.25
C ILE B 43 -10.48 4.55 -18.32
N TYR B 44 -9.42 4.35 -17.55
CA TYR B 44 -8.26 5.22 -17.56
C TYR B 44 -6.99 4.48 -18.03
N GLU B 45 -6.14 5.15 -18.78
CA GLU B 45 -4.81 4.62 -19.12
C GLU B 45 -3.87 5.16 -18.09
N THR B 46 -3.08 4.25 -17.49
CA THR B 46 -2.31 4.63 -16.34
C THR B 46 -0.89 4.14 -16.46
N ALA B 47 0.05 4.96 -15.96
CA ALA B 47 1.41 4.51 -15.87
C ALA B 47 1.62 3.52 -14.73
N PRO B 48 2.38 2.45 -14.99
CA PRO B 48 2.67 1.44 -13.94
C PRO B 48 3.31 2.06 -12.76
N VAL B 49 2.89 1.69 -11.56
CA VAL B 49 3.52 2.13 -10.32
C VAL B 49 4.09 0.91 -9.58
N GLY B 50 5.14 1.16 -8.81
CA GLY B 50 5.68 0.23 -7.89
C GLY B 50 6.66 -0.80 -8.44
N TYR B 51 7.09 -0.68 -9.68
CA TYR B 51 8.01 -1.63 -10.25
C TYR B 51 8.96 -0.97 -11.29
N THR B 52 9.38 -1.70 -12.30
CA THR B 52 10.21 -1.17 -13.38
C THR B 52 9.33 -0.58 -14.46
N GLU B 53 9.95 -0.06 -15.49
CA GLU B 53 9.22 0.38 -16.63
C GLU B 53 8.53 -0.82 -17.30
N GLN B 54 7.25 -0.67 -17.54
CA GLN B 54 6.39 -1.69 -18.10
C GLN B 54 5.31 -1.00 -19.01
N PRO B 55 4.64 -1.80 -19.82
CA PRO B 55 3.59 -1.26 -20.63
C PRO B 55 2.48 -0.64 -19.82
N ASN B 56 1.89 0.43 -20.34
CA ASN B 56 0.83 1.14 -19.63
C ASN B 56 -0.39 0.27 -19.49
N PHE B 57 -1.09 0.49 -18.37
CA PHE B 57 -2.32 -0.20 -18.06
C PHE B 57 -3.51 0.48 -18.58
N LEU B 58 -4.61 -0.24 -18.68
CA LEU B 58 -5.96 0.31 -18.71
C LEU B 58 -6.52 -0.20 -17.34
N ASN B 59 -7.09 0.69 -16.54
CA ASN B 59 -7.67 0.41 -15.23
C ASN B 59 -9.13 0.95 -15.16
N LEU B 60 -9.93 0.28 -14.37
CA LEU B 60 -11.29 0.72 -14.08
C LEU B 60 -11.71 0.13 -12.76
N CYS B 61 -12.87 0.55 -12.26
CA CYS B 61 -13.44 -0.09 -11.10
C CYS B 61 -14.88 -0.47 -11.42
N VAL B 62 -15.36 -1.48 -10.72
N VAL B 62 -15.35 -1.48 -10.71
CA VAL B 62 -16.73 -2.02 -10.87
CA VAL B 62 -16.68 -2.02 -10.87
C VAL B 62 -17.37 -2.11 -9.52
C VAL B 62 -17.37 -2.11 -9.52
N GLU B 63 -18.66 -1.78 -9.51
CA GLU B 63 -19.56 -2.00 -8.39
C GLU B 63 -20.31 -3.24 -8.58
N ILE B 64 -20.32 -4.10 -7.57
CA ILE B 64 -21.12 -5.32 -7.59
C ILE B 64 -22.06 -5.36 -6.40
N GLN B 65 -23.23 -5.95 -6.64
CA GLN B 65 -24.06 -6.41 -5.53
C GLN B 65 -23.93 -7.90 -5.40
N THR B 66 -23.59 -8.40 -4.22
CA THR B 66 -23.25 -9.82 -4.09
C THR B 66 -23.82 -10.47 -2.82
N THR B 67 -24.13 -11.75 -2.96
CA THR B 67 -24.56 -12.57 -1.83
C THR B 67 -23.54 -13.61 -1.52
N LEU B 68 -22.34 -13.53 -2.16
CA LEU B 68 -21.26 -14.44 -1.87
C LEU B 68 -20.48 -13.93 -0.65
N THR B 69 -19.87 -14.87 0.06
CA THR B 69 -18.89 -14.53 1.12
C THR B 69 -17.69 -13.88 0.43
N VAL B 70 -16.90 -13.13 1.20
CA VAL B 70 -15.74 -12.48 0.56
C VAL B 70 -14.76 -13.54 0.00
N LEU B 71 -14.63 -14.70 0.65
CA LEU B 71 -13.79 -15.73 0.13
C LEU B 71 -14.36 -16.32 -1.14
N GLN B 72 -15.67 -16.50 -1.24
CA GLN B 72 -16.29 -16.93 -2.50
C GLN B 72 -16.03 -15.93 -3.61
N LEU B 73 -16.18 -14.66 -3.25
CA LEU B 73 -15.95 -13.56 -4.20
C LEU B 73 -14.48 -13.63 -4.69
N LEU B 74 -13.51 -13.83 -3.80
CA LEU B 74 -12.12 -13.97 -4.23
C LEU B 74 -11.92 -15.07 -5.25
N GLU B 75 -12.53 -16.23 -5.00
CA GLU B 75 -12.40 -17.32 -5.92
C GLU B 75 -12.94 -16.93 -7.33
N CYS B 76 -14.10 -16.30 -7.38
CA CYS B 76 -14.66 -15.77 -8.66
C CYS B 76 -13.70 -14.78 -9.36
N CYS B 77 -13.05 -13.90 -8.57
CA CYS B 77 -12.08 -12.97 -9.14
C CYS B 77 -10.89 -13.71 -9.74
N LEU B 78 -10.31 -14.67 -8.99
CA LEU B 78 -9.11 -15.41 -9.48
C LEU B 78 -9.48 -16.33 -10.64
N LYS B 79 -10.67 -16.92 -10.60
CA LYS B 79 -11.14 -17.73 -11.73
C LYS B 79 -11.30 -16.87 -12.98
N THR B 80 -11.76 -15.65 -12.81
CA THR B 80 -11.86 -14.75 -13.98
C THR B 80 -10.52 -14.42 -14.61
N GLU B 81 -9.51 -14.18 -13.77
CA GLU B 81 -8.15 -14.02 -14.25
C GLU B 81 -7.68 -15.20 -15.09
N GLU B 82 -7.99 -16.42 -14.58
N GLU B 82 -7.99 -16.41 -14.61
CA GLU B 82 -7.70 -17.68 -15.32
CA GLU B 82 -7.65 -17.62 -15.38
C GLU B 82 -8.41 -17.70 -16.66
C GLU B 82 -8.39 -17.67 -16.70
N CYS B 83 -9.65 -17.27 -16.69
CA CYS B 83 -10.42 -17.22 -17.96
C CYS B 83 -9.75 -16.26 -18.97
N LEU B 84 -9.10 -15.23 -18.46
CA LEU B 84 -8.38 -14.29 -19.28
C LEU B 84 -6.92 -14.61 -19.50
N HIS B 85 -6.49 -15.78 -19.06
CA HIS B 85 -5.20 -16.30 -19.37
C HIS B 85 -4.04 -15.54 -18.71
N ARG B 86 -4.31 -15.02 -17.54
CA ARG B 86 -3.25 -14.42 -16.79
C ARG B 86 -2.09 -15.41 -16.55
N ILE B 87 -0.88 -14.96 -16.83
CA ILE B 87 0.34 -15.76 -16.57
C ILE B 87 0.96 -15.27 -15.25
N ARG B 88 1.28 -16.17 -14.38
CA ARG B 88 1.92 -15.75 -13.15
C ARG B 88 3.31 -16.39 -13.20
N LYS B 89 4.38 -15.59 -13.23
CA LYS B 89 5.76 -16.07 -13.21
C LYS B 89 6.36 -15.72 -11.86
N GLU B 90 7.57 -16.18 -11.61
CA GLU B 90 8.28 -15.90 -10.35
C GLU B 90 8.42 -14.36 -10.17
N ARG B 91 8.86 -13.70 -11.22
CA ARG B 91 9.05 -12.26 -11.19
C ARG B 91 7.81 -11.64 -11.81
N TRP B 92 7.44 -10.49 -11.29
CA TRP B 92 6.20 -9.87 -11.77
C TRP B 92 6.39 -9.35 -13.16
N GLY B 93 5.29 -9.27 -13.88
CA GLY B 93 5.37 -8.80 -15.26
C GLY B 93 3.97 -8.44 -15.72
N PRO B 94 3.83 -8.19 -17.01
CA PRO B 94 2.53 -7.82 -17.61
C PRO B 94 1.49 -8.86 -17.36
N ARG B 95 0.24 -8.40 -17.25
CA ARG B 95 -0.87 -9.24 -16.94
C ARG B 95 -2.02 -8.87 -17.89
N THR B 96 -2.67 -9.93 -18.40
CA THR B 96 -3.84 -9.73 -19.23
C THR B 96 -5.01 -9.16 -18.41
N LEU B 97 -5.08 -9.57 -17.16
CA LEU B 97 -6.13 -9.21 -16.28
C LEU B 97 -5.73 -9.36 -14.83
N ASP B 98 -5.95 -8.29 -14.03
CA ASP B 98 -5.87 -8.34 -12.57
C ASP B 98 -7.20 -7.91 -12.02
N VAL B 99 -7.80 -8.71 -11.11
CA VAL B 99 -9.08 -8.38 -10.50
C VAL B 99 -8.86 -8.39 -8.96
N ASP B 100 -8.85 -7.20 -8.38
CA ASP B 100 -8.59 -7.00 -6.94
C ASP B 100 -9.86 -6.58 -6.26
N ILE B 101 -10.13 -7.23 -5.10
CA ILE B 101 -11.23 -6.79 -4.28
C ILE B 101 -10.73 -5.56 -3.50
N LEU B 102 -11.41 -4.44 -3.74
CA LEU B 102 -11.10 -3.18 -3.06
C LEU B 102 -11.83 -3.05 -1.73
N LEU B 103 -13.14 -3.26 -1.81
CA LEU B 103 -14.03 -3.02 -0.67
C LEU B 103 -15.08 -4.15 -0.67
N TYR B 104 -15.43 -4.63 0.51
CA TYR B 104 -16.51 -5.64 0.66
C TYR B 104 -17.37 -5.05 1.77
N GLY B 105 -18.35 -4.26 1.33
CA GLY B 105 -19.20 -3.47 2.27
C GLY B 105 -18.20 -2.76 3.18
N GLU B 106 -18.47 -2.79 4.49
CA GLU B 106 -17.59 -2.11 5.41
C GLU B 106 -16.70 -3.05 6.12
N GLU B 107 -16.70 -4.27 5.66
N GLU B 107 -16.60 -4.27 5.65
CA GLU B 107 -15.81 -5.29 6.30
CA GLU B 107 -15.79 -5.26 6.31
C GLU B 107 -14.22 -5.07 6.18
C GLU B 107 -14.29 -5.05 6.23
N MET B 108 -13.60 -5.55 7.24
CA MET B 108 -12.15 -5.61 7.29
C MET B 108 -11.76 -7.04 7.52
N ILE B 109 -11.01 -7.61 6.58
CA ILE B 109 -10.62 -8.99 6.53
C ILE B 109 -9.11 -9.06 6.43
N ASP B 110 -8.45 -9.88 7.25
CA ASP B 110 -6.97 -10.08 7.17
C ASP B 110 -6.47 -11.52 7.26
N LEU B 111 -6.85 -12.33 6.28
CA LEU B 111 -6.48 -13.69 6.17
C LEU B 111 -5.24 -13.82 5.34
N PRO B 112 -4.54 -14.94 5.42
CA PRO B 112 -3.34 -15.04 4.64
C PRO B 112 -3.53 -14.79 3.14
N LYS B 113 -4.64 -15.27 2.61
CA LYS B 113 -4.92 -15.14 1.14
C LYS B 113 -5.76 -13.89 0.79
N LEU B 114 -6.17 -13.07 1.75
CA LEU B 114 -7.22 -12.09 1.51
C LEU B 114 -7.11 -10.94 2.49
N SER B 115 -6.79 -9.75 1.99
CA SER B 115 -6.75 -8.49 2.71
C SER B 115 -7.70 -7.54 2.11
N VAL B 116 -8.73 -7.15 2.87
CA VAL B 116 -9.71 -6.21 2.47
C VAL B 116 -10.04 -5.22 3.55
N PRO B 117 -10.17 -3.94 3.28
CA PRO B 117 -9.87 -3.24 2.03
C PRO B 117 -8.51 -3.51 1.51
N HIS B 118 -8.37 -3.44 0.18
CA HIS B 118 -7.09 -3.66 -0.45
C HIS B 118 -6.03 -2.77 0.21
N PRO B 119 -4.89 -3.34 0.57
CA PRO B 119 -3.94 -2.62 1.43
C PRO B 119 -3.26 -1.43 0.79
N ARG B 120 -3.28 -1.34 -0.55
CA ARG B 120 -2.68 -0.20 -1.23
C ARG B 120 -3.61 0.79 -1.92
N MET B 121 -4.92 0.53 -1.85
CA MET B 121 -5.87 1.35 -2.58
C MET B 121 -5.83 2.85 -2.25
N ASN B 122 -5.56 3.18 -1.02
CA ASN B 122 -5.72 4.60 -0.64
C ASN B 122 -4.64 5.48 -1.12
N GLU B 123 -3.56 4.89 -1.66
CA GLU B 123 -2.47 5.68 -2.22
C GLU B 123 -2.27 5.47 -3.73
N ARG B 124 -3.29 4.91 -4.43
CA ARG B 124 -3.19 4.56 -5.87
C ARG B 124 -4.24 5.37 -6.63
N ALA B 125 -3.72 6.30 -7.48
CA ALA B 125 -4.63 7.08 -8.30
C ALA B 125 -5.34 6.20 -9.33
N PHE B 126 -4.66 5.15 -9.80
CA PHE B 126 -5.29 4.27 -10.77
C PHE B 126 -6.46 3.47 -10.22
N VAL B 127 -6.58 3.39 -8.88
CA VAL B 127 -7.74 2.88 -8.17
C VAL B 127 -8.73 4.05 -7.86
N LEU B 128 -8.28 5.02 -7.11
CA LEU B 128 -9.16 6.04 -6.54
C LEU B 128 -9.85 6.96 -7.57
N ILE B 129 -9.19 7.24 -8.67
CA ILE B 129 -9.81 8.11 -9.69
C ILE B 129 -11.02 7.39 -10.26
N PRO B 130 -10.84 6.16 -10.85
CA PRO B 130 -12.05 5.49 -11.28
C PRO B 130 -13.03 5.14 -10.17
N LEU B 131 -12.54 4.87 -8.97
CA LEU B 131 -13.42 4.47 -7.95
C LEU B 131 -14.31 5.68 -7.55
N ASN B 132 -13.71 6.85 -7.47
CA ASN B 132 -14.46 8.13 -7.20
C ASN B 132 -15.61 8.38 -8.19
N ASP B 133 -15.45 7.91 -9.44
CA ASP B 133 -16.47 8.04 -10.47
C ASP B 133 -17.72 7.25 -10.11
N ILE B 134 -17.61 6.17 -9.38
CA ILE B 134 -18.73 5.32 -9.01
C ILE B 134 -19.07 5.16 -7.51
N ALA B 135 -18.19 5.68 -6.66
CA ALA B 135 -18.29 5.42 -5.26
C ALA B 135 -17.85 6.59 -4.42
N ALA B 136 -18.07 7.81 -4.92
CA ALA B 136 -17.58 9.04 -4.25
C ALA B 136 -17.96 9.06 -2.77
N ASN B 137 -19.16 8.63 -2.41
CA ASN B 137 -19.66 8.73 -1.04
C ASN B 137 -19.58 7.44 -0.25
N VAL B 138 -18.91 6.38 -0.78
CA VAL B 138 -18.67 5.23 -0.03
C VAL B 138 -17.52 5.40 0.95
N VAL B 139 -17.71 4.85 2.16
CA VAL B 139 -16.70 5.03 3.22
C VAL B 139 -15.70 3.87 3.20
N GLU B 140 -14.41 4.21 3.08
CA GLU B 140 -13.37 3.23 3.17
C GLU B 140 -13.15 2.94 4.69
N PRO B 141 -13.35 1.70 5.15
CA PRO B 141 -13.54 1.49 6.61
C PRO B 141 -12.28 1.59 7.48
N ARG B 142 -11.09 1.54 6.89
CA ARG B 142 -9.89 1.68 7.72
C ARG B 142 -9.62 3.14 8.03
N SER B 143 -9.59 3.99 7.02
CA SER B 143 -9.41 5.44 7.18
C SER B 143 -10.65 6.13 7.73
N LYS B 144 -11.80 5.51 7.51
CA LYS B 144 -13.13 6.08 7.79
C LYS B 144 -13.43 7.31 6.97
N LEU B 145 -12.84 7.42 5.80
CA LEU B 145 -13.02 8.52 4.90
C LEU B 145 -13.83 8.04 3.68
N LYS B 146 -14.63 8.95 3.15
CA LYS B 146 -15.26 8.73 1.86
C LYS B 146 -14.20 8.70 0.79
N VAL B 147 -14.48 7.91 -0.25
CA VAL B 147 -13.56 7.86 -1.39
C VAL B 147 -13.32 9.29 -1.94
N LYS B 148 -14.33 10.14 -2.03
CA LYS B 148 -14.12 11.55 -2.52
C LYS B 148 -13.14 12.37 -1.71
N ASP B 149 -12.90 11.97 -0.47
CA ASP B 149 -11.89 12.62 0.38
C ASP B 149 -10.50 11.97 0.34
N LEU B 150 -10.38 10.79 -0.25
CA LEU B 150 -9.10 10.16 -0.54
C LEU B 150 -8.54 10.45 -1.91
N VAL B 151 -9.41 10.63 -2.92
CA VAL B 151 -8.95 10.80 -4.29
C VAL B 151 -8.05 12.02 -4.46
N PHE B 152 -7.04 11.91 -5.29
CA PHE B 152 -6.07 13.00 -5.54
C PHE B 152 -5.80 13.04 -7.01
N VAL B 153 -5.37 14.23 -7.48
CA VAL B 153 -5.05 14.39 -8.88
C VAL B 153 -3.73 13.76 -9.16
N ASP B 154 -3.61 13.19 -10.35
CA ASP B 154 -2.41 12.51 -10.79
C ASP B 154 -2.22 12.50 -12.32
N ASP B 155 -1.12 13.09 -12.80
CA ASP B 155 -0.79 13.16 -14.21
C ASP B 155 -0.51 11.88 -14.92
N SER B 156 -0.32 10.78 -14.16
CA SER B 156 -0.07 9.51 -14.79
C SER B 156 -1.37 8.79 -15.07
N VAL B 157 -2.51 9.36 -14.77
CA VAL B 157 -3.83 8.71 -14.99
C VAL B 157 -4.64 9.58 -15.92
N LYS B 158 -4.99 9.05 -17.08
CA LYS B 158 -5.69 9.82 -18.11
C LYS B 158 -6.92 9.05 -18.57
N ARG B 159 -8.01 9.73 -18.86
CA ARG B 159 -9.16 9.08 -19.44
C ARG B 159 -8.78 8.42 -20.77
N TYR B 160 -9.21 7.18 -20.96
CA TYR B 160 -8.86 6.50 -22.16
C TYR B 160 -9.85 6.81 -23.27
#